data_6NK0
#
_entry.id   6NK0
#
_cell.length_a   46.798
_cell.length_b   78.060
_cell.length_c   58.340
_cell.angle_alpha   90.000
_cell.angle_beta   98.770
_cell.angle_gamma   90.000
#
_symmetry.space_group_name_H-M   'P 1 21 1'
#
loop_
_entity.id
_entity.type
_entity.pdbx_description
1 polymer 'Ephrin type-A receptor 2'
2 polymer bA-WLA-Yam
3 non-polymer GLYCEROL
4 non-polymer '6-AMINOHEXANOIC ACID'
5 non-polymer 1,2-ETHANEDIOL
6 non-polymer DI(HYDROXYETHYL)ETHER
7 water water
#
loop_
_entity_poly.entity_id
_entity_poly.type
_entity_poly.pdbx_seq_one_letter_code
_entity_poly.pdbx_strand_id
1 'polypeptide(L)'
;MASQGPGEVVLLDFAAAGGELGWLTHPYGKGWDLMQNIMNDMPIYMYSVCNVMSGDQDNWLRTNWVYRGEAERIFIELKF
TVRDCNSFPGGASSCKETFNLYYAESDLDYGTNFQKRLFTKIDTIAPDEITVSSDFEARHVKLNVEERSVGPLTRKGFYL
AFQDIGACVALLSVRVYYKKAHHHHHH
;
A,B
2 'polypeptide(L)' (BAL)WLAYPDSVPY(NH2) C,D
#
loop_
_chem_comp.id
_chem_comp.type
_chem_comp.name
_chem_comp.formula
BAL peptide-like BETA-ALANINE 'C3 H7 N O2'
EDO non-polymer 1,2-ETHANEDIOL 'C2 H6 O2'
GOL non-polymer GLYCEROL 'C3 H8 O3'
NH2 non-polymer 'AMINO GROUP' 'H2 N'
PEG non-polymer DI(HYDROXYETHYL)ETHER 'C4 H10 O3'
#
# COMPACT_ATOMS: atom_id res chain seq x y z
N GLY A 7 15.91 4.19 4.69
CA GLY A 7 16.59 4.61 3.48
C GLY A 7 15.69 4.77 2.28
N GLU A 8 14.96 5.88 2.21
CA GLU A 8 14.01 6.05 1.14
C GLU A 8 14.68 6.79 0.00
N VAL A 9 14.25 6.47 -1.22
CA VAL A 9 14.63 7.25 -2.39
C VAL A 9 13.38 7.86 -3.00
N VAL A 10 13.43 9.16 -3.22
CA VAL A 10 12.27 9.91 -3.74
C VAL A 10 12.29 9.96 -5.25
N LEU A 11 11.16 9.59 -5.85
CA LEU A 11 10.95 9.60 -7.29
C LEU A 11 10.14 10.78 -7.79
N LEU A 12 9.28 11.31 -6.93
CA LEU A 12 8.44 12.46 -7.26
C LEU A 12 8.10 13.16 -5.93
N ASP A 13 8.17 14.50 -5.90
CA ASP A 13 7.71 15.23 -4.71
C ASP A 13 7.13 16.58 -5.13
N PHE A 14 5.82 16.62 -5.34
CA PHE A 14 5.18 17.82 -5.85
C PHE A 14 5.44 19.05 -5.01
N ALA A 15 5.30 18.94 -3.68
CA ALA A 15 5.44 20.09 -2.79
C ALA A 15 6.88 20.55 -2.62
N ALA A 16 7.84 19.79 -3.10
CA ALA A 16 9.22 20.24 -3.02
C ALA A 16 9.65 20.98 -4.28
N ALA A 17 8.85 20.90 -5.35
CA ALA A 17 9.22 21.33 -6.68
C ALA A 17 8.91 22.79 -6.98
N GLY A 18 7.70 23.25 -6.67
CA GLY A 18 7.30 24.61 -6.96
C GLY A 18 7.43 24.95 -8.43
N GLY A 22 3.36 22.17 -14.34
CA GLY A 22 2.17 22.26 -15.18
C GLY A 22 1.66 20.91 -15.70
N TRP A 23 1.08 20.10 -14.81
CA TRP A 23 0.68 18.75 -15.15
C TRP A 23 -0.51 18.75 -16.10
N LEU A 24 -0.60 17.68 -16.87
CA LEU A 24 -1.67 17.53 -17.82
C LEU A 24 -3.01 17.41 -17.10
N THR A 25 -3.98 18.10 -17.67
CA THR A 25 -5.37 17.99 -17.24
C THR A 25 -6.24 17.70 -18.46
N HIS A 26 -7.31 16.95 -18.22
CA HIS A 26 -8.25 16.54 -19.22
C HIS A 26 -9.63 16.58 -18.57
N PRO A 27 -10.65 17.09 -19.24
CA PRO A 27 -10.61 17.62 -20.60
C PRO A 27 -9.98 19.00 -20.60
N TYR A 28 -9.58 19.46 -21.78
CA TYR A 28 -8.84 20.70 -21.88
C TYR A 28 -9.73 21.85 -21.43
N GLY A 29 -9.18 22.73 -20.60
CA GLY A 29 -9.86 23.94 -20.20
C GLY A 29 -10.84 23.77 -19.07
N LYS A 30 -10.93 22.60 -18.47
CA LYS A 30 -11.94 22.32 -17.48
C LYS A 30 -11.27 21.51 -16.39
N GLY A 31 -11.76 21.68 -15.18
CA GLY A 31 -11.48 20.75 -14.11
C GLY A 31 -10.32 21.19 -13.24
N TRP A 32 -9.33 20.31 -13.06
CA TRP A 32 -8.22 20.57 -12.15
C TRP A 32 -7.42 21.79 -12.60
N ASP A 33 -7.01 22.60 -11.63
CA ASP A 33 -6.31 23.84 -11.89
C ASP A 33 -5.16 23.95 -10.91
N LEU A 34 -4.00 24.40 -11.40
CA LEU A 34 -2.85 24.67 -10.53
C LEU A 34 -3.06 26.01 -9.82
N MET A 35 -3.10 25.95 -8.48
N MET A 35 -3.09 25.97 -8.49
CA MET A 35 -3.42 27.08 -7.63
CA MET A 35 -3.40 27.13 -7.69
C MET A 35 -2.27 27.31 -6.66
C MET A 35 -2.36 27.27 -6.59
N GLN A 36 -2.32 28.47 -6.02
CA GLN A 36 -1.37 28.83 -4.99
C GLN A 36 -2.05 29.62 -3.89
N ASN A 37 -1.51 29.46 -2.68
CA ASN A 37 -1.85 30.32 -1.55
C ASN A 37 -0.55 31.03 -1.18
N ILE A 38 -0.58 32.39 -1.18
CA ILE A 38 0.61 33.20 -0.93
C ILE A 38 0.47 34.02 0.34
N MET A 39 -0.22 33.48 1.34
N MET A 39 -0.26 33.46 1.33
CA MET A 39 -0.37 34.21 2.59
CA MET A 39 -0.41 34.09 2.64
C MET A 39 0.92 34.24 3.40
C MET A 39 0.94 34.28 3.33
N ASN A 40 1.88 33.38 3.07
CA ASN A 40 3.18 33.38 3.71
C ASN A 40 4.27 33.45 2.67
N ASP A 41 5.48 33.60 3.17
N ASP A 41 5.49 33.62 3.18
CA ASP A 41 6.56 34.02 2.31
CA ASP A 41 6.62 33.95 2.33
C ASP A 41 6.84 32.98 1.24
C ASP A 41 6.83 32.89 1.26
N MET A 42 6.76 31.71 1.61
N MET A 42 6.76 31.63 1.64
CA MET A 42 6.84 30.72 0.56
CA MET A 42 6.84 30.58 0.65
C MET A 42 5.45 30.27 0.14
C MET A 42 5.44 30.22 0.15
N PRO A 43 5.23 30.23 -1.15
CA PRO A 43 3.92 29.82 -1.66
C PRO A 43 3.63 28.36 -1.36
N ILE A 44 2.33 28.08 -1.20
CA ILE A 44 1.82 26.71 -1.12
C ILE A 44 1.11 26.49 -2.44
N TYR A 45 1.56 25.51 -3.22
CA TYR A 45 0.91 25.14 -4.48
C TYR A 45 -0.01 23.94 -4.28
N MET A 46 -0.95 23.79 -5.20
CA MET A 46 -1.93 22.73 -5.10
C MET A 46 -2.60 22.57 -6.46
N TYR A 47 -3.09 21.36 -6.72
CA TYR A 47 -4.04 21.16 -7.78
C TYR A 47 -5.43 21.06 -7.17
N SER A 48 -6.33 21.92 -7.59
CA SER A 48 -7.67 22.04 -7.04
C SER A 48 -8.73 21.81 -8.09
N VAL A 49 -9.82 21.18 -7.68
CA VAL A 49 -11.01 21.10 -8.52
C VAL A 49 -12.21 21.22 -7.61
N CYS A 50 -13.27 21.88 -8.09
CA CYS A 50 -14.43 22.07 -7.22
C CYS A 50 -15.69 22.32 -8.04
N ASN A 51 -15.92 21.45 -9.02
CA ASN A 51 -17.09 21.55 -9.88
C ASN A 51 -18.23 20.71 -9.29
N VAL A 52 -18.75 21.20 -8.17
CA VAL A 52 -19.64 20.41 -7.32
C VAL A 52 -21.12 20.49 -7.65
N MET A 53 -21.52 21.35 -8.58
CA MET A 53 -22.94 21.52 -8.89
C MET A 53 -23.45 20.78 -10.13
N SER A 54 -22.60 20.53 -11.13
CA SER A 54 -23.06 20.04 -12.44
C SER A 54 -23.50 18.58 -12.43
N GLY A 55 -22.77 17.72 -11.73
CA GLY A 55 -23.19 16.33 -11.54
C GLY A 55 -22.74 15.34 -12.59
N ASP A 56 -21.96 15.78 -13.59
CA ASP A 56 -21.50 14.97 -14.71
C ASP A 56 -20.00 15.11 -14.90
N GLN A 57 -19.24 15.21 -13.82
CA GLN A 57 -17.83 15.52 -13.91
C GLN A 57 -16.95 14.29 -14.09
N ASP A 58 -15.92 14.44 -14.89
CA ASP A 58 -14.94 13.37 -15.08
C ASP A 58 -13.62 14.04 -15.44
N ASN A 59 -12.98 14.60 -14.43
CA ASN A 59 -11.81 15.46 -14.60
C ASN A 59 -10.56 14.70 -14.19
N TRP A 60 -9.60 14.64 -15.10
CA TRP A 60 -8.36 13.91 -14.89
C TRP A 60 -7.18 14.84 -14.78
N LEU A 61 -6.32 14.53 -13.82
CA LEU A 61 -5.05 15.18 -13.58
C LEU A 61 -4.01 14.09 -13.70
N ARG A 62 -2.97 14.30 -14.51
CA ARG A 62 -1.95 13.27 -14.70
C ARG A 62 -0.57 13.83 -14.38
N THR A 63 0.21 13.13 -13.57
CA THR A 63 1.58 13.57 -13.35
C THR A 63 2.36 13.58 -14.66
N ASN A 64 3.52 14.22 -14.67
CA ASN A 64 4.43 13.96 -15.77
C ASN A 64 4.98 12.55 -15.61
N TRP A 65 5.67 12.09 -16.66
CA TRP A 65 6.30 10.79 -16.60
C TRP A 65 7.33 10.79 -15.46
N VAL A 66 7.29 9.73 -14.67
CA VAL A 66 8.15 9.54 -13.51
C VAL A 66 9.09 8.38 -13.77
N TYR A 67 10.39 8.66 -13.72
CA TYR A 67 11.37 7.60 -13.83
C TYR A 67 11.27 6.68 -12.63
N ARG A 68 11.21 5.36 -12.89
CA ARG A 68 11.01 4.37 -11.84
C ARG A 68 12.30 4.00 -11.15
N GLY A 69 13.43 4.28 -11.76
CA GLY A 69 14.68 3.86 -11.18
C GLY A 69 14.65 2.36 -11.07
N GLU A 70 15.12 1.86 -9.94
CA GLU A 70 15.15 0.43 -9.70
C GLU A 70 14.02 -0.07 -8.82
N ALA A 71 12.99 0.73 -8.60
CA ALA A 71 11.92 0.36 -7.67
C ALA A 71 11.14 -0.82 -8.23
N GLU A 72 10.91 -1.85 -7.40
CA GLU A 72 9.96 -2.91 -7.71
C GLU A 72 8.57 -2.51 -7.22
N ARG A 73 8.50 -1.86 -6.08
CA ARG A 73 7.26 -1.37 -5.51
C ARG A 73 7.46 0.10 -5.19
N ILE A 74 6.46 0.93 -5.55
CA ILE A 74 6.51 2.36 -5.23
C ILE A 74 5.45 2.65 -4.17
N PHE A 75 5.80 3.55 -3.27
CA PHE A 75 4.93 4.02 -2.19
C PHE A 75 4.53 5.45 -2.49
N ILE A 76 3.23 5.71 -2.41
CA ILE A 76 2.60 6.94 -2.86
C ILE A 76 1.94 7.59 -1.65
N GLU A 77 2.37 8.78 -1.28
CA GLU A 77 1.78 9.52 -0.18
C GLU A 77 1.11 10.77 -0.71
N LEU A 78 -0.18 10.93 -0.40
CA LEU A 78 -0.99 12.08 -0.83
C LEU A 78 -1.36 12.90 0.39
N LYS A 79 -1.35 14.23 0.27
CA LYS A 79 -1.93 15.13 1.27
C LYS A 79 -2.93 16.04 0.59
N PHE A 80 -4.12 16.15 1.17
CA PHE A 80 -5.22 16.77 0.46
C PHE A 80 -6.31 17.20 1.42
N THR A 81 -7.10 18.19 0.98
CA THR A 81 -8.30 18.64 1.69
C THR A 81 -9.53 18.28 0.85
N VAL A 82 -10.67 18.09 1.53
CA VAL A 82 -11.94 17.84 0.84
C VAL A 82 -12.98 18.68 1.57
N ARG A 83 -13.68 19.53 0.84
CA ARG A 83 -14.73 20.31 1.50
C ARG A 83 -16.00 19.47 1.67
N ASP A 84 -16.65 19.68 2.81
CA ASP A 84 -17.95 19.08 3.13
C ASP A 84 -18.95 19.41 2.03
N CYS A 85 -19.62 18.39 1.48
CA CYS A 85 -20.60 18.71 0.43
C CYS A 85 -21.75 19.56 0.95
N ASN A 86 -22.00 19.59 2.26
CA ASN A 86 -23.04 20.45 2.81
C ASN A 86 -22.68 21.92 2.75
N SER A 87 -21.44 22.25 2.33
CA SER A 87 -21.05 23.63 2.05
C SER A 87 -21.74 24.22 0.84
N PHE A 88 -22.34 23.40 0.00
CA PHE A 88 -22.79 23.83 -1.32
C PHE A 88 -24.28 23.62 -1.40
N PRO A 89 -25.06 24.66 -1.24
CA PRO A 89 -26.51 24.49 -1.26
C PRO A 89 -26.97 23.94 -2.60
N GLY A 90 -27.80 22.91 -2.54
CA GLY A 90 -28.31 22.28 -3.74
C GLY A 90 -27.40 21.23 -4.33
N GLY A 91 -26.28 20.93 -3.68
CA GLY A 91 -25.32 19.98 -4.19
C GLY A 91 -25.49 18.56 -3.69
N ALA A 92 -26.63 18.22 -3.08
CA ALA A 92 -26.75 16.94 -2.40
C ALA A 92 -26.38 15.76 -3.30
N SER A 93 -26.94 15.73 -4.53
CA SER A 93 -26.74 14.60 -5.43
C SER A 93 -25.57 14.80 -6.39
N SER A 94 -25.15 16.04 -6.63
CA SER A 94 -24.07 16.29 -7.58
C SER A 94 -22.70 16.32 -6.93
N CYS A 95 -22.64 16.54 -5.63
CA CYS A 95 -21.36 16.70 -4.95
C CYS A 95 -20.92 15.36 -4.38
N LYS A 96 -19.61 15.07 -4.50
CA LYS A 96 -18.97 13.88 -3.90
C LYS A 96 -17.89 14.31 -2.91
N GLU A 97 -17.39 13.36 -2.05
CA GLU A 97 -16.32 13.63 -1.09
C GLU A 97 -15.13 12.68 -1.23
N THR A 98 -15.02 11.99 -2.36
CA THR A 98 -13.87 11.16 -2.65
C THR A 98 -13.33 11.50 -4.04
N PHE A 99 -12.14 10.98 -4.36
CA PHE A 99 -11.61 11.02 -5.71
C PHE A 99 -10.88 9.71 -5.94
N ASN A 100 -10.49 9.41 -7.17
CA ASN A 100 -9.90 8.14 -7.51
C ASN A 100 -8.46 8.31 -7.94
N LEU A 101 -7.64 7.34 -7.56
CA LEU A 101 -6.22 7.30 -7.86
C LEU A 101 -5.95 6.15 -8.82
N TYR A 102 -5.20 6.43 -9.89
CA TYR A 102 -4.82 5.49 -10.96
C TYR A 102 -3.32 5.55 -11.22
N TYR A 103 -2.81 4.52 -11.91
CA TYR A 103 -1.45 4.57 -12.45
C TYR A 103 -1.38 3.89 -13.80
N ALA A 104 -0.30 4.19 -14.51
CA ALA A 104 0.03 3.47 -15.73
C ALA A 104 1.54 3.34 -15.78
N GLU A 105 2.01 2.19 -16.25
CA GLU A 105 3.44 2.03 -16.48
C GLU A 105 3.75 2.33 -17.93
N SER A 106 4.93 2.90 -18.18
CA SER A 106 5.28 3.18 -19.56
C SER A 106 6.79 3.31 -19.75
N ASP A 107 7.34 2.66 -20.77
CA ASP A 107 8.73 2.93 -21.12
C ASP A 107 8.89 4.33 -21.71
N LEU A 108 7.88 4.81 -22.40
CA LEU A 108 7.93 6.05 -23.14
C LEU A 108 7.27 7.17 -22.36
N ASP A 109 7.81 8.36 -22.48
CA ASP A 109 7.13 9.57 -22.01
C ASP A 109 6.16 9.98 -23.12
N TYR A 110 4.87 9.83 -22.88
CA TYR A 110 3.86 10.18 -23.87
C TYR A 110 3.62 11.68 -23.98
N GLY A 111 4.24 12.49 -23.14
CA GLY A 111 4.08 13.91 -23.29
C GLY A 111 2.65 14.37 -23.12
N THR A 112 2.19 15.11 -24.11
CA THR A 112 0.85 15.68 -24.08
C THR A 112 -0.23 14.67 -24.46
N ASN A 113 0.16 13.45 -24.85
CA ASN A 113 -0.81 12.43 -25.23
C ASN A 113 -1.33 11.74 -23.99
N PHE A 114 -2.66 11.62 -23.90
CA PHE A 114 -3.27 11.04 -22.72
C PHE A 114 -4.36 10.07 -23.14
N GLN A 115 -4.18 8.81 -22.77
CA GLN A 115 -5.17 7.76 -23.05
C GLN A 115 -5.56 7.10 -21.73
N LYS A 116 -6.78 7.41 -21.27
CA LYS A 116 -7.27 6.90 -20.01
C LYS A 116 -7.29 5.39 -19.98
N ARG A 117 -7.52 4.75 -21.11
CA ARG A 117 -7.66 3.29 -21.17
C ARG A 117 -6.41 2.57 -20.69
N LEU A 118 -5.27 3.22 -20.73
CA LEU A 118 -4.01 2.64 -20.27
C LEU A 118 -3.85 2.62 -18.75
N PHE A 119 -4.73 3.28 -18.00
CA PHE A 119 -4.59 3.43 -16.56
C PHE A 119 -5.40 2.39 -15.80
N THR A 120 -4.82 1.94 -14.69
CA THR A 120 -5.38 0.96 -13.78
C THR A 120 -5.69 1.66 -12.46
N LYS A 121 -6.88 1.44 -11.93
CA LYS A 121 -7.25 2.03 -10.65
C LYS A 121 -6.42 1.43 -9.52
N ILE A 122 -5.97 2.30 -8.62
CA ILE A 122 -5.38 1.89 -7.34
C ILE A 122 -6.43 1.85 -6.23
N ASP A 123 -7.14 2.94 -6.02
CA ASP A 123 -8.12 2.99 -4.93
C ASP A 123 -8.98 4.23 -5.08
N THR A 124 -10.11 4.18 -4.39
CA THR A 124 -10.81 5.39 -3.99
C THR A 124 -10.05 6.06 -2.84
N ILE A 125 -9.79 7.34 -2.96
CA ILE A 125 -9.16 8.14 -1.91
C ILE A 125 -10.24 8.91 -1.17
N ALA A 126 -10.40 8.63 0.11
CA ALA A 126 -11.40 9.24 0.94
C ALA A 126 -10.75 9.96 2.11
N PRO A 127 -11.27 11.11 2.46
CA PRO A 127 -10.74 11.85 3.61
C PRO A 127 -11.17 11.30 4.95
N ASP A 128 -10.20 11.21 5.87
CA ASP A 128 -10.57 10.94 7.26
C ASP A 128 -11.36 12.09 7.83
N GLU A 129 -11.06 13.32 7.36
CA GLU A 129 -11.69 14.53 7.87
C GLU A 129 -12.08 15.44 6.70
N ILE A 130 -13.36 15.77 6.59
CA ILE A 130 -13.81 16.79 5.66
C ILE A 130 -13.68 18.17 6.33
N THR A 131 -13.54 19.20 5.53
CA THR A 131 -13.46 20.58 6.04
C THR A 131 -14.82 21.22 5.90
N VAL A 132 -15.47 21.53 7.04
CA VAL A 132 -16.83 22.08 7.03
C VAL A 132 -16.71 23.57 6.74
N SER A 133 -17.85 24.18 6.38
N SER A 133 -17.85 24.17 6.38
CA SER A 133 -17.83 25.56 5.90
CA SER A 133 -17.89 25.56 5.93
C SER A 133 -17.33 26.53 6.97
C SER A 133 -17.34 26.52 6.97
N SER A 134 -17.70 26.33 8.23
CA SER A 134 -17.27 27.29 9.25
C SER A 134 -15.76 27.24 9.43
N ASP A 135 -15.17 26.06 9.29
CA ASP A 135 -13.72 25.97 9.36
C ASP A 135 -13.04 26.59 8.13
N PHE A 136 -13.56 26.30 6.92
CA PHE A 136 -13.01 26.91 5.71
C PHE A 136 -13.00 28.43 5.83
N GLU A 137 -14.14 28.99 6.27
N GLU A 137 -14.11 29.01 6.26
CA GLU A 137 -14.30 30.43 6.42
CA GLU A 137 -14.14 30.47 6.33
C GLU A 137 -13.36 31.01 7.46
C GLU A 137 -13.20 30.99 7.40
N ALA A 138 -13.00 30.22 8.47
CA ALA A 138 -12.05 30.60 9.49
C ALA A 138 -10.61 30.28 9.12
N ARG A 139 -10.37 29.77 7.90
CA ARG A 139 -9.02 29.44 7.41
C ARG A 139 -8.41 28.28 8.15
N HIS A 140 -9.27 27.39 8.63
CA HIS A 140 -8.87 26.15 9.28
C HIS A 140 -9.26 24.98 8.38
N VAL A 141 -8.30 24.40 7.72
CA VAL A 141 -8.59 23.27 6.86
C VAL A 141 -8.08 22.01 7.55
N LYS A 142 -8.69 20.89 7.20
CA LYS A 142 -8.25 19.59 7.69
C LYS A 142 -7.45 18.88 6.60
N LEU A 143 -6.14 18.77 6.83
CA LEU A 143 -5.24 18.15 5.87
C LEU A 143 -5.22 16.65 6.13
N ASN A 144 -5.60 15.88 5.13
CA ASN A 144 -5.61 14.44 5.20
C ASN A 144 -4.33 13.90 4.59
N VAL A 145 -3.90 12.75 5.08
CA VAL A 145 -2.76 12.02 4.55
C VAL A 145 -3.20 10.60 4.23
N GLU A 146 -2.94 10.15 2.99
CA GLU A 146 -3.20 8.77 2.59
C GLU A 146 -2.01 8.18 1.87
N GLU A 147 -1.70 6.93 2.17
CA GLU A 147 -0.61 6.22 1.50
C GLU A 147 -1.12 4.96 0.84
N ARG A 148 -0.62 4.70 -0.36
CA ARG A 148 -0.85 3.47 -1.08
C ARG A 148 0.46 2.99 -1.69
N SER A 149 0.48 1.78 -2.19
CA SER A 149 1.68 1.32 -2.90
C SER A 149 1.24 0.46 -4.06
N VAL A 150 2.09 0.37 -5.08
N VAL A 150 2.15 0.32 -5.04
CA VAL A 150 1.79 -0.48 -6.21
CA VAL A 150 1.87 -0.33 -6.32
C VAL A 150 3.06 -1.17 -6.66
C VAL A 150 3.09 -1.11 -6.78
N GLY A 151 2.87 -2.33 -7.29
CA GLY A 151 3.91 -3.09 -7.90
C GLY A 151 3.46 -4.53 -8.02
N PRO A 152 4.30 -5.39 -8.58
CA PRO A 152 5.62 -5.05 -9.10
C PRO A 152 5.60 -4.27 -10.39
N LEU A 153 6.52 -3.33 -10.49
CA LEU A 153 6.69 -2.49 -11.68
C LEU A 153 7.92 -2.92 -12.47
N THR A 154 7.86 -2.80 -13.80
CA THR A 154 9.01 -3.20 -14.61
C THR A 154 9.38 -2.25 -15.74
N ARG A 155 8.54 -1.29 -16.10
CA ARG A 155 8.82 -0.44 -17.25
C ARG A 155 9.70 0.72 -16.77
N LYS A 156 10.20 1.51 -17.73
CA LYS A 156 11.22 2.50 -17.39
C LYS A 156 10.65 3.56 -16.45
N GLY A 157 9.37 3.90 -16.63
CA GLY A 157 8.73 4.91 -15.83
C GLY A 157 7.25 4.64 -15.67
N PHE A 158 6.56 5.58 -15.06
CA PHE A 158 5.14 5.42 -14.79
C PHE A 158 4.50 6.78 -14.64
N TYR A 159 3.18 6.76 -14.67
CA TYR A 159 2.36 7.92 -14.39
C TYR A 159 1.41 7.64 -13.24
N LEU A 160 1.07 8.67 -12.47
CA LEU A 160 -0.11 8.63 -11.60
C LEU A 160 -1.17 9.55 -12.17
N ALA A 161 -2.42 9.21 -11.94
CA ALA A 161 -3.50 10.09 -12.35
C ALA A 161 -4.56 10.13 -11.28
N PHE A 162 -5.27 11.25 -11.25
CA PHE A 162 -6.27 11.53 -10.24
C PHE A 162 -7.55 11.88 -10.97
N GLN A 163 -8.62 11.14 -10.69
CA GLN A 163 -9.90 11.36 -11.33
C GLN A 163 -10.85 11.97 -10.33
N ASP A 164 -11.40 13.11 -10.69
CA ASP A 164 -12.45 13.77 -9.95
C ASP A 164 -13.78 13.53 -10.63
N ILE A 165 -14.77 13.14 -9.83
CA ILE A 165 -16.14 12.90 -10.27
C ILE A 165 -17.13 13.90 -9.70
N GLY A 166 -16.67 15.05 -9.18
CA GLY A 166 -17.57 16.06 -8.64
C GLY A 166 -17.37 16.42 -7.18
N ALA A 167 -16.12 16.33 -6.74
CA ALA A 167 -15.79 16.66 -5.36
C ALA A 167 -15.07 18.00 -5.33
N CYS A 168 -14.81 18.50 -4.12
CA CYS A 168 -14.12 19.79 -3.96
C CYS A 168 -12.79 19.52 -3.24
N VAL A 169 -11.73 19.26 -4.02
CA VAL A 169 -10.50 18.67 -3.54
C VAL A 169 -9.34 19.61 -3.82
N ALA A 170 -8.45 19.79 -2.86
CA ALA A 170 -7.17 20.45 -3.08
C ALA A 170 -6.09 19.43 -2.74
N LEU A 171 -5.25 19.13 -3.72
CA LEU A 171 -4.17 18.15 -3.62
C LEU A 171 -2.89 18.94 -3.39
N LEU A 172 -2.32 18.88 -2.18
CA LEU A 172 -1.17 19.69 -1.80
C LEU A 172 0.16 18.96 -1.85
N SER A 173 0.11 17.64 -1.83
CA SER A 173 1.34 16.88 -1.77
C SER A 173 1.15 15.55 -2.46
N VAL A 174 2.13 15.19 -3.30
CA VAL A 174 2.19 13.91 -4.00
C VAL A 174 3.65 13.49 -3.92
N ARG A 175 3.98 12.53 -3.06
N ARG A 175 3.97 12.56 -3.03
CA ARG A 175 5.36 12.10 -2.80
CA ARG A 175 5.33 12.08 -2.82
C ARG A 175 5.45 10.61 -3.05
C ARG A 175 5.35 10.61 -3.19
N VAL A 176 6.30 10.22 -4.00
CA VAL A 176 6.45 8.83 -4.42
C VAL A 176 7.87 8.41 -4.11
N TYR A 177 8.04 7.30 -3.40
CA TYR A 177 9.37 6.87 -2.99
C TYR A 177 9.47 5.36 -3.05
N TYR A 178 10.69 4.84 -3.00
CA TYR A 178 10.90 3.41 -2.83
C TYR A 178 11.96 3.19 -1.76
N LYS A 179 12.01 1.94 -1.30
CA LYS A 179 12.84 1.52 -0.21
C LYS A 179 14.09 0.79 -0.67
N LYS A 180 15.08 0.78 0.23
CA LYS A 180 16.23 -0.12 0.12
C LYS A 180 16.90 0.03 -1.23
N ALA A 181 16.98 1.27 -1.69
CA ALA A 181 17.68 1.59 -2.92
C ALA A 181 19.17 1.31 -2.83
N HIS A 182 19.65 0.85 -1.68
CA HIS A 182 21.05 0.48 -1.53
C HIS A 182 21.26 -1.00 -1.82
N HIS A 183 20.25 -1.67 -2.37
CA HIS A 183 20.40 -3.07 -2.78
C HIS A 183 20.41 -3.20 -4.30
N HIS A 184 20.39 -2.06 -5.00
CA HIS A 184 20.25 -1.94 -6.44
C HIS A 184 21.41 -1.14 -7.04
N HIS A 185 21.70 -1.41 -8.32
CA HIS A 185 22.62 -0.57 -9.10
C HIS A 185 21.80 0.37 -9.98
N HIS A 186 22.13 1.67 -9.94
CA HIS A 186 21.35 2.74 -10.56
C HIS A 186 21.95 3.20 -11.89
N HIS A 187 21.08 3.56 -12.84
CA HIS A 187 21.54 3.92 -14.18
C HIS A 187 21.44 5.40 -14.54
N GLY B 7 -10.87 3.41 12.83
CA GLY B 7 -11.60 3.34 11.58
C GLY B 7 -11.24 2.13 10.72
N GLU B 8 -10.59 1.14 11.32
CA GLU B 8 -10.14 -0.07 10.63
C GLU B 8 -11.11 -1.22 10.93
N VAL B 9 -11.29 -2.09 9.97
CA VAL B 9 -12.02 -3.34 10.16
C VAL B 9 -11.02 -4.45 9.88
N VAL B 10 -10.82 -5.35 10.84
CA VAL B 10 -9.83 -6.42 10.73
C VAL B 10 -10.48 -7.64 10.08
N LEU B 11 -9.86 -8.14 9.04
CA LEU B 11 -10.34 -9.31 8.31
C LEU B 11 -9.58 -10.59 8.66
N LEU B 12 -8.33 -10.47 9.08
CA LEU B 12 -7.47 -11.60 9.40
C LEU B 12 -6.44 -11.11 10.42
N ASP B 13 -6.19 -11.92 11.46
CA ASP B 13 -5.19 -11.58 12.47
C ASP B 13 -4.58 -12.87 13.01
N PHE B 14 -3.45 -13.27 12.44
CA PHE B 14 -2.81 -14.53 12.82
C PHE B 14 -2.53 -14.62 14.33
N ALA B 15 -1.99 -13.55 14.91
CA ALA B 15 -1.58 -13.63 16.31
C ALA B 15 -2.77 -13.70 17.26
N ALA B 16 -3.98 -13.38 16.80
CA ALA B 16 -5.18 -13.47 17.62
C ALA B 16 -5.79 -14.87 17.61
N ALA B 17 -5.26 -15.77 16.79
CA ALA B 17 -5.86 -17.08 16.61
C ALA B 17 -5.42 -18.07 17.69
N GLY B 18 -4.44 -17.70 18.51
CA GLY B 18 -3.99 -18.61 19.55
C GLY B 18 -3.52 -19.96 19.07
N GLY B 19 -2.86 -20.01 17.91
CA GLY B 19 -2.32 -21.26 17.41
C GLY B 19 -3.29 -22.14 16.65
N GLU B 20 -4.54 -21.74 16.49
CA GLU B 20 -5.55 -22.49 15.73
C GLU B 20 -5.67 -21.82 14.37
N LEU B 21 -4.92 -22.35 13.39
CA LEU B 21 -4.84 -21.74 12.07
C LEU B 21 -5.28 -22.69 10.96
N GLY B 22 -4.58 -23.79 10.76
CA GLY B 22 -4.95 -24.67 9.67
C GLY B 22 -4.54 -24.22 8.29
N TRP B 23 -3.51 -23.39 8.17
CA TRP B 23 -3.16 -22.86 6.87
C TRP B 23 -2.48 -23.96 6.05
N LEU B 24 -2.87 -24.03 4.79
CA LEU B 24 -2.39 -25.05 3.87
C LEU B 24 -0.91 -24.83 3.57
N THR B 25 -0.17 -25.94 3.48
CA THR B 25 1.22 -25.88 3.13
C THR B 25 1.46 -26.82 1.96
N HIS B 26 2.34 -26.40 1.06
CA HIS B 26 2.68 -27.15 -0.13
C HIS B 26 4.18 -27.00 -0.36
N PRO B 27 4.89 -28.08 -0.70
CA PRO B 27 4.44 -29.46 -0.86
C PRO B 27 4.17 -30.09 0.51
N TYR B 28 3.40 -31.18 0.53
CA TYR B 28 3.04 -31.79 1.79
C TYR B 28 4.24 -32.41 2.48
N GLY B 29 4.31 -32.22 3.79
CA GLY B 29 5.35 -32.80 4.61
C GLY B 29 6.62 -32.01 4.64
N LYS B 30 6.67 -30.88 3.97
CA LYS B 30 7.90 -30.13 3.84
C LYS B 30 7.57 -28.67 3.98
N GLY B 31 8.55 -27.93 4.47
CA GLY B 31 8.54 -26.49 4.37
C GLY B 31 7.99 -25.82 5.62
N TRP B 32 7.06 -24.92 5.43
CA TRP B 32 6.52 -24.12 6.51
C TRP B 32 5.87 -25.00 7.58
N ASP B 33 6.13 -24.66 8.84
CA ASP B 33 5.64 -25.42 9.98
C ASP B 33 5.13 -24.47 11.05
N LEU B 34 4.03 -24.86 11.70
CA LEU B 34 3.50 -24.10 12.82
C LEU B 34 4.31 -24.39 14.08
N MET B 35 4.93 -23.36 14.64
N MET B 35 4.92 -23.36 14.65
CA MET B 35 5.81 -23.47 15.78
CA MET B 35 5.81 -23.53 15.79
C MET B 35 5.25 -22.64 16.94
C MET B 35 5.35 -22.58 16.89
N GLN B 36 5.80 -22.87 18.12
CA GLN B 36 5.49 -22.03 19.26
C GLN B 36 6.75 -21.71 20.05
N ASN B 37 6.72 -20.54 20.68
CA ASN B 37 7.71 -20.15 21.69
C ASN B 37 6.93 -19.83 22.97
N ILE B 38 7.30 -20.50 24.06
CA ILE B 38 6.66 -20.32 25.35
C ILE B 38 7.66 -19.87 26.40
N MET B 39 8.71 -19.16 25.98
CA MET B 39 9.74 -18.65 26.87
C MET B 39 9.29 -17.39 27.60
N ASN B 40 8.23 -16.74 27.15
CA ASN B 40 7.61 -15.66 27.90
C ASN B 40 6.27 -16.15 28.44
N ASP B 41 5.60 -15.33 29.24
CA ASP B 41 4.48 -15.88 30.00
C ASP B 41 3.43 -16.48 29.06
N MET B 42 3.11 -15.82 28.06
CA MET B 42 2.09 -16.37 27.19
C MET B 42 2.73 -16.93 25.92
N PRO B 43 2.13 -17.98 25.34
CA PRO B 43 2.68 -18.55 24.10
C PRO B 43 2.53 -17.62 22.93
N ILE B 44 3.55 -17.64 22.08
CA ILE B 44 3.53 -16.99 20.77
C ILE B 44 3.73 -18.05 19.70
N TYR B 45 2.94 -17.97 18.65
CA TYR B 45 2.99 -18.87 17.52
C TYR B 45 3.58 -18.21 16.28
N MET B 46 3.95 -19.05 15.33
CA MET B 46 4.58 -18.57 14.12
C MET B 46 4.52 -19.67 13.08
N TYR B 47 4.52 -19.29 11.82
CA TYR B 47 4.85 -20.21 10.75
C TYR B 47 6.31 -19.95 10.38
N SER B 48 7.12 -20.99 10.36
N SER B 48 7.13 -21.02 10.42
CA SER B 48 8.52 -20.76 10.08
CA SER B 48 8.56 -20.93 10.25
C SER B 48 9.07 -21.88 9.23
C SER B 48 9.00 -21.88 9.13
N VAL B 49 10.10 -21.52 8.46
CA VAL B 49 10.78 -22.45 7.56
C VAL B 49 12.25 -22.05 7.57
N CYS B 50 13.13 -23.02 7.45
CA CYS B 50 14.57 -22.74 7.54
C CYS B 50 15.35 -23.85 6.82
N ASN B 51 14.97 -24.14 5.57
CA ASN B 51 15.62 -25.18 4.76
C ASN B 51 16.72 -24.54 3.90
N VAL B 52 17.78 -24.10 4.59
CA VAL B 52 18.77 -23.22 3.97
C VAL B 52 19.90 -23.94 3.26
N MET B 53 19.94 -25.27 3.34
CA MET B 53 21.05 -26.01 2.74
C MET B 53 20.77 -26.59 1.35
N SER B 54 19.51 -26.99 1.05
CA SER B 54 19.23 -27.81 -0.14
C SER B 54 19.34 -27.02 -1.45
N GLY B 55 18.85 -25.78 -1.46
CA GLY B 55 19.02 -24.89 -2.59
C GLY B 55 17.94 -24.98 -3.66
N ASP B 56 16.94 -25.82 -3.48
CA ASP B 56 15.86 -26.01 -4.44
C ASP B 56 14.50 -25.80 -3.77
N GLN B 57 14.39 -24.84 -2.86
CA GLN B 57 13.18 -24.72 -2.07
C GLN B 57 12.13 -23.90 -2.80
N ASP B 58 10.89 -24.33 -2.66
CA ASP B 58 9.72 -23.68 -3.23
C ASP B 58 8.55 -24.06 -2.34
N ASN B 59 8.50 -23.45 -1.17
CA ASN B 59 7.57 -23.82 -0.12
C ASN B 59 6.47 -22.78 0.02
N TRP B 60 5.22 -23.22 -0.07
CA TRP B 60 4.09 -22.31 -0.03
C TRP B 60 3.24 -22.49 1.22
N LEU B 61 2.79 -21.36 1.75
CA LEU B 61 1.88 -21.28 2.88
C LEU B 61 0.70 -20.43 2.44
N ARG B 62 -0.53 -20.94 2.56
CA ARG B 62 -1.72 -20.19 2.12
C ARG B 62 -2.69 -20.02 3.29
N THR B 63 -3.14 -18.79 3.50
CA THR B 63 -4.19 -18.55 4.48
C THR B 63 -5.45 -19.28 4.03
N ASN B 64 -6.38 -19.41 4.97
CA ASN B 64 -7.73 -19.81 4.58
C ASN B 64 -8.37 -18.64 3.84
N TRP B 65 -9.49 -18.94 3.19
CA TRP B 65 -10.25 -17.93 2.46
C TRP B 65 -10.71 -16.85 3.43
N VAL B 66 -10.55 -15.60 3.01
CA VAL B 66 -10.91 -14.42 3.81
C VAL B 66 -12.02 -13.65 3.09
N TYR B 67 -13.17 -13.53 3.75
CA TYR B 67 -14.25 -12.73 3.20
C TYR B 67 -13.88 -11.24 3.25
N ARG B 68 -14.06 -10.53 2.13
CA ARG B 68 -13.63 -9.14 2.06
C ARG B 68 -14.67 -8.16 2.50
N GLY B 69 -15.90 -8.59 2.67
CA GLY B 69 -16.90 -7.63 3.12
C GLY B 69 -17.01 -6.50 2.13
N GLU B 70 -16.89 -5.28 2.67
CA GLU B 70 -17.02 -4.06 1.88
C GLU B 70 -15.69 -3.49 1.39
N ALA B 71 -14.61 -4.22 1.54
CA ALA B 71 -13.31 -3.64 1.22
C ALA B 71 -13.09 -3.51 -0.29
N GLU B 72 -12.67 -2.34 -0.73
CA GLU B 72 -12.11 -2.15 -2.08
C GLU B 72 -10.59 -2.41 -2.04
N ARG B 73 -9.93 -1.96 -0.99
CA ARG B 73 -8.48 -2.05 -0.85
C ARG B 73 -8.20 -2.70 0.49
N ILE B 74 -7.29 -3.68 0.54
CA ILE B 74 -6.91 -4.29 1.80
C ILE B 74 -5.47 -3.90 2.13
N PHE B 75 -5.23 -3.72 3.41
CA PHE B 75 -3.93 -3.40 3.95
C PHE B 75 -3.38 -4.61 4.72
N ILE B 76 -2.14 -4.96 4.43
CA ILE B 76 -1.55 -6.19 4.93
C ILE B 76 -0.32 -5.82 5.73
N GLU B 77 -0.30 -6.18 7.01
CA GLU B 77 0.87 -5.93 7.86
C GLU B 77 1.50 -7.26 8.29
N LEU B 78 2.79 -7.42 8.01
CA LEU B 78 3.52 -8.62 8.36
C LEU B 78 4.57 -8.29 9.40
N LYS B 79 4.75 -9.19 10.36
CA LYS B 79 5.89 -9.07 11.27
C LYS B 79 6.63 -10.40 11.21
N PHE B 80 7.95 -10.32 11.07
CA PHE B 80 8.72 -11.51 10.74
C PHE B 80 10.18 -11.30 11.08
N THR B 81 10.88 -12.43 11.28
CA THR B 81 12.32 -12.44 11.46
C THR B 81 12.97 -13.14 10.27
N VAL B 82 14.23 -12.77 9.99
CA VAL B 82 15.01 -13.43 8.95
C VAL B 82 16.41 -13.59 9.50
N ARG B 83 16.93 -14.81 9.52
CA ARG B 83 18.32 -14.99 9.96
C ARG B 83 19.31 -14.65 8.85
N ASP B 84 20.42 -14.01 9.24
CA ASP B 84 21.52 -13.74 8.30
C ASP B 84 22.04 -15.04 7.70
N CYS B 85 22.10 -15.09 6.38
CA CYS B 85 22.54 -16.30 5.70
C CYS B 85 23.97 -16.67 6.03
N ASN B 86 24.77 -15.71 6.49
CA ASN B 86 26.14 -16.05 6.86
C ASN B 86 26.22 -16.82 8.17
N SER B 87 25.07 -17.04 8.81
CA SER B 87 24.95 -17.91 9.98
C SER B 87 25.16 -19.37 9.63
N PHE B 88 25.09 -19.72 8.37
CA PHE B 88 24.99 -21.13 7.99
C PHE B 88 26.22 -21.55 7.19
N PRO B 89 27.10 -22.35 7.76
CA PRO B 89 28.26 -22.79 6.98
C PRO B 89 27.83 -23.66 5.80
N GLY B 90 28.24 -23.27 4.60
CA GLY B 90 27.94 -24.01 3.40
C GLY B 90 26.61 -23.70 2.75
N GLY B 91 25.82 -22.79 3.33
CA GLY B 91 24.57 -22.39 2.73
C GLY B 91 24.64 -21.09 1.96
N ALA B 92 25.84 -20.58 1.68
CA ALA B 92 25.98 -19.24 1.14
C ALA B 92 25.14 -19.04 -0.11
N SER B 93 25.23 -19.97 -1.06
CA SER B 93 24.54 -19.84 -2.33
C SER B 93 23.14 -20.45 -2.33
N SER B 94 22.85 -21.35 -1.41
CA SER B 94 21.51 -21.91 -1.29
C SER B 94 20.59 -21.09 -0.39
N CYS B 95 21.14 -20.17 0.40
CA CYS B 95 20.37 -19.42 1.40
C CYS B 95 19.91 -18.09 0.81
N LYS B 96 18.67 -17.70 1.13
CA LYS B 96 18.10 -16.42 0.72
C LYS B 96 17.69 -15.65 1.96
N GLU B 97 17.49 -14.33 1.81
CA GLU B 97 17.05 -13.46 2.91
C GLU B 97 15.78 -12.70 2.59
N THR B 98 15.00 -13.17 1.63
CA THR B 98 13.71 -12.62 1.30
C THR B 98 12.69 -13.75 1.21
N PHE B 99 11.41 -13.37 1.15
CA PHE B 99 10.35 -14.30 0.77
C PHE B 99 9.35 -13.53 -0.07
N ASN B 100 8.45 -14.24 -0.73
CA ASN B 100 7.51 -13.60 -1.65
C ASN B 100 6.10 -13.67 -1.12
N LEU B 101 5.34 -12.59 -1.34
CA LEU B 101 3.96 -12.44 -0.91
C LEU B 101 3.07 -12.40 -2.14
N TYR B 102 1.99 -13.20 -2.14
CA TYR B 102 1.05 -13.36 -3.23
C TYR B 102 -0.37 -13.25 -2.71
N TYR B 103 -1.31 -13.06 -3.63
CA TYR B 103 -2.73 -13.19 -3.26
C TYR B 103 -3.50 -13.86 -4.40
N ALA B 104 -4.70 -14.32 -4.09
CA ALA B 104 -5.64 -14.84 -5.08
C ALA B 104 -7.04 -14.51 -4.58
N GLU B 105 -7.99 -14.34 -5.51
CA GLU B 105 -9.38 -14.01 -5.20
C GLU B 105 -10.33 -15.06 -5.72
N SER B 106 -11.41 -15.32 -4.98
N SER B 106 -11.44 -15.26 -5.01
CA SER B 106 -12.46 -16.20 -5.51
CA SER B 106 -12.45 -16.20 -5.47
C SER B 106 -13.78 -15.87 -4.84
C SER B 106 -13.79 -15.91 -4.81
N ASP B 107 -14.89 -16.21 -5.53
CA ASP B 107 -16.22 -16.05 -4.93
C ASP B 107 -16.56 -17.21 -3.99
N LEU B 108 -15.97 -18.37 -4.20
CA LEU B 108 -16.13 -19.54 -3.32
C LEU B 108 -14.73 -20.05 -2.98
N ASP B 109 -14.53 -20.39 -1.71
CA ASP B 109 -13.33 -21.06 -1.23
C ASP B 109 -13.01 -22.29 -2.06
N TYR B 110 -11.76 -22.38 -2.53
CA TYR B 110 -11.24 -23.54 -3.24
C TYR B 110 -10.96 -24.73 -2.35
N GLY B 111 -10.92 -24.52 -1.05
CA GLY B 111 -10.61 -25.60 -0.12
C GLY B 111 -9.19 -26.07 -0.30
N THR B 112 -8.99 -27.37 -0.49
CA THR B 112 -7.63 -27.89 -0.67
C THR B 112 -7.12 -27.77 -2.11
N ASN B 113 -7.89 -27.21 -3.04
CA ASN B 113 -7.36 -26.99 -4.38
C ASN B 113 -6.41 -25.79 -4.30
N PHE B 114 -5.11 -26.07 -4.34
CA PHE B 114 -4.08 -25.05 -4.24
C PHE B 114 -3.21 -25.21 -5.47
N GLN B 115 -3.20 -24.20 -6.33
CA GLN B 115 -2.29 -24.20 -7.47
C GLN B 115 -1.70 -22.81 -7.54
N LYS B 116 -0.38 -22.72 -7.44
CA LYS B 116 0.31 -21.44 -7.48
C LYS B 116 -0.07 -20.66 -8.73
N ARG B 117 -0.57 -21.35 -9.76
CA ARG B 117 -1.02 -20.70 -10.98
C ARG B 117 -2.04 -19.60 -10.73
N LEU B 118 -2.87 -19.77 -9.69
CA LEU B 118 -3.98 -18.90 -9.31
C LEU B 118 -3.49 -17.61 -8.68
N PHE B 119 -2.23 -17.54 -8.25
CA PHE B 119 -1.74 -16.48 -7.38
C PHE B 119 -0.97 -15.41 -8.15
N THR B 120 -1.16 -14.17 -7.73
CA THR B 120 -0.53 -12.99 -8.29
C THR B 120 0.46 -12.46 -7.27
N LYS B 121 1.69 -12.19 -7.71
CA LYS B 121 2.70 -11.67 -6.80
C LYS B 121 2.34 -10.25 -6.38
N ILE B 122 2.44 -9.98 -5.10
CA ILE B 122 2.37 -8.62 -4.53
C ILE B 122 3.74 -7.98 -4.45
N ASP B 123 4.67 -8.63 -3.77
CA ASP B 123 6.00 -8.04 -3.63
C ASP B 123 6.96 -9.11 -3.14
N THR B 124 8.23 -8.83 -3.35
CA THR B 124 9.30 -9.43 -2.56
C THR B 124 9.34 -8.75 -1.20
N ILE B 125 9.28 -9.55 -0.13
CA ILE B 125 9.34 -9.02 1.22
C ILE B 125 10.78 -9.19 1.73
N ALA B 126 11.42 -8.07 2.02
CA ALA B 126 12.79 -8.01 2.50
C ALA B 126 12.84 -7.40 3.90
N PRO B 127 13.68 -7.95 4.77
CA PRO B 127 13.82 -7.40 6.12
C PRO B 127 14.68 -6.15 6.17
N ASP B 128 14.25 -5.18 6.98
CA ASP B 128 15.12 -4.08 7.29
C ASP B 128 16.34 -4.55 8.07
N GLU B 129 16.17 -5.57 8.92
CA GLU B 129 17.22 -6.08 9.79
C GLU B 129 17.22 -7.60 9.76
N ILE B 130 18.36 -8.19 9.40
CA ILE B 130 18.55 -9.63 9.58
C ILE B 130 19.08 -9.88 10.98
N THR B 131 18.77 -11.08 11.51
CA THR B 131 19.19 -11.46 12.85
C THR B 131 20.48 -12.27 12.80
N VAL B 132 21.53 -11.76 13.42
CA VAL B 132 22.82 -12.44 13.43
C VAL B 132 22.86 -13.46 14.54
N SER B 133 23.81 -14.39 14.42
CA SER B 133 23.81 -15.57 15.27
C SER B 133 24.10 -15.21 16.70
N SER B 134 24.91 -14.18 16.94
CA SER B 134 25.22 -13.82 18.31
C SER B 134 23.98 -13.32 19.03
N ASP B 135 23.06 -12.66 18.30
CA ASP B 135 21.79 -12.27 18.89
C ASP B 135 20.87 -13.48 19.05
N PHE B 136 20.77 -14.31 18.01
CA PHE B 136 19.92 -15.50 18.06
C PHE B 136 20.27 -16.41 19.24
N GLU B 137 21.56 -16.73 19.38
CA GLU B 137 21.99 -17.62 20.45
C GLU B 137 21.74 -17.04 21.83
N ALA B 138 21.71 -15.71 21.94
CA ALA B 138 21.37 -14.99 23.17
C ALA B 138 19.87 -14.83 23.36
N ARG B 139 19.07 -15.40 22.45
CA ARG B 139 17.59 -15.38 22.44
C ARG B 139 17.02 -14.01 22.11
N HIS B 140 17.77 -13.24 21.31
CA HIS B 140 17.35 -11.91 20.86
C HIS B 140 17.17 -11.92 19.34
N VAL B 141 16.00 -11.42 18.86
CA VAL B 141 15.73 -11.36 17.43
C VAL B 141 15.42 -9.93 17.00
N LYS B 142 15.57 -9.67 15.69
CA LYS B 142 15.15 -8.41 15.10
C LYS B 142 13.81 -8.64 14.40
N LEU B 143 12.75 -8.11 14.97
CA LEU B 143 11.42 -8.27 14.42
C LEU B 143 11.17 -7.17 13.41
N ASN B 144 10.94 -7.56 12.15
CA ASN B 144 10.67 -6.62 11.06
C ASN B 144 9.18 -6.44 10.91
N VAL B 145 8.78 -5.26 10.45
CA VAL B 145 7.38 -4.93 10.11
C VAL B 145 7.37 -4.40 8.68
N GLU B 146 6.51 -5.00 7.84
CA GLU B 146 6.30 -4.54 6.48
C GLU B 146 4.80 -4.47 6.19
N GLU B 147 4.37 -3.39 5.55
CA GLU B 147 2.98 -3.23 5.18
C GLU B 147 2.87 -3.05 3.67
N ARG B 148 1.86 -3.70 3.10
CA ARG B 148 1.49 -3.53 1.70
C ARG B 148 -0.01 -3.41 1.63
N SER B 149 -0.50 -2.89 0.52
CA SER B 149 -1.94 -2.89 0.27
C SER B 149 -2.17 -3.43 -1.14
N VAL B 150 -3.37 -3.97 -1.34
CA VAL B 150 -3.77 -4.71 -2.52
C VAL B 150 -5.20 -4.32 -2.90
N GLY B 151 -5.46 -4.19 -4.21
CA GLY B 151 -6.78 -3.92 -4.71
C GLY B 151 -6.70 -3.10 -5.97
N PRO B 152 -7.83 -2.75 -6.53
CA PRO B 152 -9.17 -3.05 -6.03
C PRO B 152 -9.51 -4.52 -6.10
N LEU B 153 -10.12 -4.99 -5.03
CA LEU B 153 -10.61 -6.35 -4.97
C LEU B 153 -11.85 -6.48 -5.85
N THR B 154 -12.05 -7.72 -6.33
CA THR B 154 -13.06 -8.00 -7.34
C THR B 154 -13.95 -9.21 -7.05
N ARG B 155 -13.66 -10.00 -6.00
CA ARG B 155 -14.41 -11.23 -5.71
C ARG B 155 -14.77 -11.21 -4.24
N LYS B 156 -15.60 -12.18 -3.83
CA LYS B 156 -16.13 -12.14 -2.47
C LYS B 156 -15.05 -12.32 -1.43
N GLY B 157 -13.98 -13.05 -1.74
CA GLY B 157 -12.94 -13.24 -0.75
C GLY B 157 -11.60 -13.45 -1.43
N PHE B 158 -10.58 -13.60 -0.58
CA PHE B 158 -9.23 -13.70 -1.08
C PHE B 158 -8.37 -14.56 -0.16
N TYR B 159 -7.21 -14.91 -0.71
CA TYR B 159 -6.17 -15.61 0.04
C TYR B 159 -4.88 -14.81 -0.02
N LEU B 160 -4.06 -14.92 1.03
CA LEU B 160 -2.66 -14.55 0.90
C LEU B 160 -1.86 -15.83 0.87
N ALA B 161 -0.75 -15.78 0.16
CA ALA B 161 0.19 -16.88 0.19
C ALA B 161 1.60 -16.34 0.34
N PHE B 162 2.42 -17.16 0.97
CA PHE B 162 3.80 -16.85 1.30
C PHE B 162 4.67 -17.93 0.67
N GLN B 163 5.57 -17.51 -0.20
CA GLN B 163 6.48 -18.43 -0.90
C GLN B 163 7.87 -18.26 -0.34
N ASP B 164 8.43 -19.37 0.17
CA ASP B 164 9.82 -19.44 0.62
C ASP B 164 10.66 -20.09 -0.46
N ILE B 165 11.76 -19.45 -0.81
CA ILE B 165 12.69 -19.92 -1.83
C ILE B 165 14.04 -20.32 -1.21
N GLY B 166 14.09 -20.52 0.10
CA GLY B 166 15.31 -20.96 0.74
C GLY B 166 15.85 -20.06 1.83
N ALA B 167 14.95 -19.39 2.57
CA ALA B 167 15.35 -18.47 3.63
C ALA B 167 15.08 -19.09 4.99
N CYS B 168 15.53 -18.40 6.04
CA CYS B 168 15.31 -18.88 7.40
C CYS B 168 14.41 -17.83 8.04
N VAL B 169 13.09 -18.03 7.94
CA VAL B 169 12.09 -16.99 8.18
CA VAL B 169 12.11 -16.98 8.19
C VAL B 169 11.08 -17.48 9.20
N ALA B 170 10.73 -16.63 10.14
CA ALA B 170 9.61 -16.86 11.04
C ALA B 170 8.58 -15.73 10.87
N LEU B 171 7.35 -16.12 10.55
CA LEU B 171 6.25 -15.21 10.34
C LEU B 171 5.41 -15.20 11.62
N LEU B 172 5.44 -14.09 12.34
CA LEU B 172 4.83 -13.98 13.65
C LEU B 172 3.51 -13.26 13.63
N SER B 173 3.24 -12.45 12.62
CA SER B 173 2.02 -11.66 12.62
C SER B 173 1.60 -11.42 11.19
N VAL B 174 0.32 -11.61 10.92
CA VAL B 174 -0.29 -11.32 9.63
C VAL B 174 -1.62 -10.67 9.97
N ARG B 175 -1.72 -9.37 9.77
N ARG B 175 -1.74 -9.37 9.73
CA ARG B 175 -2.93 -8.61 10.03
CA ARG B 175 -2.95 -8.62 10.05
C ARG B 175 -3.40 -8.03 8.70
C ARG B 175 -3.43 -7.92 8.80
N VAL B 176 -4.67 -8.22 8.39
CA VAL B 176 -5.26 -7.68 7.17
C VAL B 176 -6.48 -6.88 7.59
N TYR B 177 -6.55 -5.63 7.13
CA TYR B 177 -7.65 -4.75 7.48
C TYR B 177 -8.02 -3.87 6.31
N TYR B 178 -9.18 -3.25 6.41
CA TYR B 178 -9.54 -2.17 5.49
C TYR B 178 -10.01 -0.99 6.30
N LYS B 179 -10.12 0.15 5.62
CA LYS B 179 -10.56 1.38 6.24
C LYS B 179 -12.07 1.51 6.06
N LYS B 180 -12.77 1.79 7.18
CA LYS B 180 -14.20 2.05 7.18
C LYS B 180 -14.50 3.25 6.29
N ALA B 181 -15.53 3.10 5.45
CA ALA B 181 -16.03 4.26 4.71
C ALA B 181 -16.77 5.14 5.70
N HIS B 182 -16.56 6.45 5.56
CA HIS B 182 -17.22 7.50 6.34
C HIS B 182 -18.28 8.25 5.55
N HIS B 183 -18.79 7.68 4.47
CA HIS B 183 -19.76 8.38 3.63
C HIS B 183 -20.75 9.17 4.50
N HIS B 184 -20.98 10.41 4.08
CA HIS B 184 -21.62 11.46 4.86
C HIS B 184 -22.93 11.80 4.17
N HIS B 185 -23.91 12.23 4.96
CA HIS B 185 -25.19 12.61 4.40
C HIS B 185 -25.21 14.09 4.07
N HIS B 186 -25.71 14.40 2.90
CA HIS B 186 -25.81 15.76 2.42
C HIS B 186 -27.24 16.18 2.71
N HIS B 187 -27.41 17.26 3.47
CA HIS B 187 -28.71 17.58 4.02
C HIS B 187 -29.51 18.38 3.02
N BAL C 1 -16.80 30.43 -10.93
CB BAL C 1 -16.39 30.52 -9.52
CA BAL C 1 -16.79 29.18 -8.85
C BAL C 1 -16.46 29.15 -7.38
O BAL C 1 -16.01 30.10 -6.81
H1 BAL C 1 -17.16 31.30 -11.29
H3 BAL C 1 -16.07 30.06 -11.54
HB3 BAL C 1 -16.87 31.36 -9.04
HB2 BAL C 1 -15.33 30.70 -9.44
HA1 BAL C 1 -17.85 28.98 -8.98
HA2 BAL C 1 -16.29 28.34 -9.35
N TRP C 2 -16.71 27.98 -6.81
CA TRP C 2 -16.28 27.67 -5.48
C TRP C 2 -14.78 27.41 -5.46
N LEU C 3 -14.13 27.77 -4.37
CA LEU C 3 -12.71 27.45 -4.20
C LEU C 3 -12.54 26.24 -3.30
N ALA C 4 -11.60 25.38 -3.65
CA ALA C 4 -11.29 24.23 -2.82
C ALA C 4 -10.43 24.54 -1.61
N TYR C 5 -9.67 25.62 -1.65
CA TYR C 5 -8.70 25.92 -0.59
C TYR C 5 -8.75 27.41 -0.29
N PRO C 6 -8.74 27.83 0.98
CA PRO C 6 -8.88 29.25 1.26
C PRO C 6 -7.76 30.09 0.66
N ASP C 7 -8.12 31.29 0.24
CA ASP C 7 -7.15 32.28 -0.21
C ASP C 7 -6.23 31.73 -1.30
N SER C 8 -6.80 30.93 -2.19
CA SER C 8 -6.04 30.37 -3.30
C SER C 8 -6.45 31.04 -4.61
N VAL C 9 -5.46 31.20 -5.47
CA VAL C 9 -5.58 31.82 -6.78
C VAL C 9 -4.82 31.01 -7.80
N PRO C 10 -5.18 31.10 -9.06
CA PRO C 10 -4.43 30.36 -10.09
C PRO C 10 -2.98 30.78 -10.14
N TYR C 11 -2.13 29.81 -10.44
CA TYR C 11 -0.73 30.03 -10.61
C TYR C 11 -0.49 29.78 -12.06
N NH2 C 12 -0.39 31.05 -12.65
HN1 NH2 C 12 -1.31 31.43 -12.87
HN2 NH2 C 12 0.44 31.45 -13.10
N BAL D 1 18.68 -31.31 11.89
CB BAL D 1 18.55 -30.02 12.60
CA BAL D 1 18.46 -28.84 11.59
C BAL D 1 18.43 -27.49 12.25
O BAL D 1 18.40 -27.35 13.45
H1 BAL D 1 17.79 -31.74 11.64
H3 BAL D 1 19.25 -31.99 12.40
HB3 BAL D 1 17.67 -30.04 13.23
HB2 BAL D 1 19.39 -29.88 13.28
HA1 BAL D 1 17.58 -28.94 10.96
HA2 BAL D 1 19.31 -28.87 10.89
N TRP D 2 18.45 -26.44 11.43
CA TRP D 2 18.40 -25.08 11.90
C TRP D 2 16.99 -24.61 12.30
N LEU D 3 16.90 -23.74 13.31
CA LEU D 3 15.64 -23.10 13.67
C LEU D 3 15.59 -21.65 13.22
N ALA D 4 14.42 -21.20 12.81
CA ALA D 4 14.22 -19.82 12.41
C ALA D 4 14.03 -18.89 13.59
N TYR D 5 13.56 -19.39 14.72
CA TYR D 5 13.25 -18.53 15.84
C TYR D 5 13.77 -19.17 17.12
N PRO D 6 14.42 -18.39 18.03
CA PRO D 6 15.03 -19.01 19.21
C PRO D 6 13.99 -19.71 20.08
N ASP D 7 14.40 -20.85 20.64
CA ASP D 7 13.60 -21.59 21.61
C ASP D 7 12.20 -21.91 21.11
N SER D 8 12.07 -22.13 19.82
CA SER D 8 10.80 -22.49 19.23
C SER D 8 10.76 -24.00 19.04
N VAL D 9 9.55 -24.55 19.15
CA VAL D 9 9.30 -25.98 19.00
C VAL D 9 8.07 -26.19 18.10
N PRO D 10 7.96 -27.31 17.41
CA PRO D 10 6.76 -27.57 16.62
C PRO D 10 5.53 -27.59 17.50
N TYR D 11 4.45 -27.05 16.96
CA TYR D 11 3.18 -27.00 17.66
C TYR D 11 2.13 -27.75 16.87
N NH2 D 12 1.95 -27.34 15.54
HN1 NH2 D 12 1.25 -26.65 15.29
HN2 NH2 D 12 2.54 -27.76 14.83
C1 GOL E . 1.80 17.89 -20.36
O1 GOL E . 1.18 19.06 -19.83
C2 GOL E . 3.26 18.04 -20.09
O2 GOL E . 3.51 18.14 -18.74
C3 GOL E . 3.95 16.89 -20.84
O3 GOL E . 4.29 15.88 -19.96
H11 GOL E . 1.65 17.78 -21.31
H12 GOL E . 1.47 17.07 -19.95
HO1 GOL E . 1.68 19.32 -19.19
H2 GOL E . 3.63 18.87 -20.44
HO2 GOL E . 3.75 17.37 -18.47
H31 GOL E . 4.72 17.25 -21.31
H32 GOL E . 3.35 16.59 -21.54
C ACA F . -9.42 2.65 -16.75
O ACA F . -9.79 1.98 -15.82
OXT ACA F . -8.81 2.18 -17.80
C2 ACA F . -9.63 4.14 -16.83
C3 ACA F . -11.03 4.56 -17.26
C4 ACA F . -11.79 5.17 -16.10
C5 ACA F . -13.15 5.83 -16.44
C6 ACA F . -13.13 6.78 -17.63
N ACA F . -13.49 8.20 -17.34
H2 ACA F . -14.03 8.33 -16.49
HXT ACA F . -8.68 1.20 -17.73
H21 ACA F . -8.89 4.55 -17.52
H22 ACA F . -9.38 4.58 -15.86
H31 ACA F . -11.56 3.70 -17.66
H32 ACA F . -10.97 5.27 -18.08
H41 ACA F . -11.16 5.90 -15.61
H42 ACA F . -11.96 4.39 -15.35
H51 ACA F . -13.51 6.38 -15.56
H52 ACA F . -13.90 5.06 -16.60
H61 ACA F . -12.14 6.70 -18.07
H62 ACA F . -13.79 6.35 -18.38
H ACA F . -12.68 8.84 -17.33
C1 EDO G . -6.41 -1.33 -17.36
O1 EDO G . -6.37 -1.99 -16.09
C2 EDO G . -5.10 -1.60 -18.08
O2 EDO G . -5.12 -0.95 -19.34
H11 EDO G . -6.55 -0.25 -17.22
H12 EDO G . -7.25 -1.70 -17.95
HO1 EDO G . -7.21 -1.86 -15.64
H21 EDO G . -4.96 -2.67 -18.21
H22 EDO G . -4.26 -1.23 -17.48
HO2 EDO G . -4.27 -1.10 -19.80
C1 GOL H . -3.33 4.36 4.55
O1 GOL H . -3.13 5.76 4.38
C2 GOL H . -3.62 4.15 6.05
O2 GOL H . -4.77 4.84 6.39
C3 GOL H . -3.78 2.62 6.24
O3 GOL H . -3.62 2.34 7.61
H11 GOL H . -4.07 4.02 4.02
H12 GOL H . -2.56 3.84 4.29
H2 GOL H . -2.89 4.48 6.60
HO2 GOL H . -4.88 4.74 7.24
H31 GOL H . -4.64 2.35 5.89
H32 GOL H . -3.12 2.17 5.68
C1 PEG I . -10.97 -15.62 -10.12
O1 PEG I . -12.24 -15.11 -10.59
C2 PEG I . -9.80 -14.82 -10.59
O2 PEG I . -9.85 -13.53 -10.00
C3 PEG I . -9.43 -12.48 -10.87
C4 PEG I . -9.98 -11.17 -10.35
O4 PEG I . -10.38 -10.32 -11.40
H11 PEG I . -10.86 -16.65 -10.46
H12 PEG I . -10.98 -15.65 -9.03
HO1 PEG I . -12.96 -15.55 -10.06
H21 PEG I . -9.82 -14.74 -11.68
H22 PEG I . -8.87 -15.32 -10.33
H31 PEG I . -9.78 -12.66 -11.89
H32 PEG I . -8.34 -12.42 -10.92
H41 PEG I . -9.26 -10.60 -9.78
H42 PEG I . -10.87 -11.29 -9.74
HO4 PEG I . -9.66 -9.63 -11.53
C1 EDO J . -13.53 -11.00 -14.96
O1 EDO J . -13.66 -9.92 -14.02
C2 EDO J . -12.07 -11.45 -15.00
O2 EDO J . -11.92 -12.52 -15.93
H11 EDO J . -13.84 -10.68 -15.94
H12 EDO J . -14.16 -11.84 -14.66
HO1 EDO J . -14.54 -9.95 -13.62
H21 EDO J . -11.76 -11.79 -14.01
H22 EDO J . -11.43 -10.62 -15.29
HO2 EDO J . -11.02 -12.87 -15.87
C1 GOL K . -0.44 0.94 1.96
O1 GOL K . -0.26 0.64 0.62
C2 GOL K . 0.92 1.40 2.39
O2 GOL K . 1.02 1.50 3.76
C3 GOL K . 1.81 0.36 1.72
O3 GOL K . 1.05 -0.23 0.69
H11 GOL K . -0.73 0.17 2.49
H12 GOL K . -1.10 1.63 2.11
HO1 GOL K . -0.47 -0.18 0.52
H2 GOL K . 1.15 2.29 2.11
HO2 GOL K . 1.84 1.64 3.95
H31 GOL K . 2.11 -0.27 2.39
H32 GOL K . 2.62 0.79 1.41
HO3 GOL K . 1.52 -0.84 0.35
#